data_7TOL
#
_entry.id   7TOL
#
_cell.length_a   56.999
_cell.length_b   77.598
_cell.length_c   117.520
_cell.angle_alpha   90.000
_cell.angle_beta   90.000
_cell.angle_gamma   90.000
#
_symmetry.space_group_name_H-M   'P 21 21 21'
#
loop_
_entity.id
_entity.type
_entity.pdbx_description
1 polymer 'glycerol dibiphytanyl glycerol tetraether - macrocyclic archaeol synthase'
2 non-polymer 'FE (III) ION'
3 non-polymer 'IRON/SULFUR CLUSTER'
4 non-polymer "5'-DEOXYADENOSINE"
5 non-polymer METHIONINE
6 non-polymer 3-PHOSPHORYL-[1,2-DI-PHYTANYL]GLYCEROL
7 non-polymer 'TRIETHYLENE GLYCOL'
8 non-polymer 3-[GLYCEROLYLPHOSPHONYL]-[1,2-DI-PHYTANYL]GLYCEROL
9 water water
#
_entity_poly.entity_id   1
_entity_poly.type   'polypeptide(L)'
_entity_poly.pdbx_seq_one_letter_code
;MGSSHHHHHHSSGLVPRGSHMEKKTLSLCPICLKRIPATILEEDGKIIIKKTCPEHGEFKDIYWGDAELYKKFDKYEFIG
KIEVTNTKVKNGCPYDCGLCPNHKSTTILANIDVTNRCNLNCPICFANANKSGKVYEPSFEDIKRMMENLRKEIPPTPAI
QFAGGEPTVRSDLPELIKLARDMGFLHVQLATNGIKLKNINYLKKLKEAGLSTIYLQFDGISEKPYLVARGKNLLPIKQK
VIENCKKVGFDSVVLVPTLVRGVNDNEVGGIIRYAAENVDVVRGINFQPVSFTGRVDEKTLLEGRITIPDFIKLVEEQTD
GEITEEDFYPVPSVAPISVLVEKLTNDRKPTLSSHQHCGTSTYVFVDEDGKLIPITRFIDVEGFLEIVKEKIEEIGKSKM
HDVKVLGEIALKLPSLIDLDKAPKSVNIKKIIDLILSVLKSDYSALAELHYHMLMISCMHFMDAYNFDVKRVMRCCIHYA
TPDDRIIPFCTYNTLHRQEVEEKFSIPLEEWKRMHKIGGEDDREDY
;
_entity_poly.pdbx_strand_id   A
#
# COMPACT_ATOMS: atom_id res chain seq x y z
N SER A 19 -8.89 -12.16 -30.07
CA SER A 19 -8.08 -12.18 -28.86
C SER A 19 -6.59 -12.11 -29.20
N HIS A 20 -5.76 -12.11 -28.16
CA HIS A 20 -4.32 -11.91 -28.32
C HIS A 20 -3.59 -12.24 -27.03
N MET A 21 -2.77 -13.29 -27.05
CA MET A 21 -2.04 -13.69 -25.85
C MET A 21 -0.94 -12.69 -25.52
N GLU A 22 -0.92 -12.23 -24.27
CA GLU A 22 0.10 -11.32 -23.78
C GLU A 22 1.21 -12.05 -23.04
N LYS A 23 0.85 -12.91 -22.08
CA LYS A 23 1.83 -13.58 -21.24
C LYS A 23 1.30 -14.93 -20.80
N LYS A 24 2.23 -15.78 -20.35
CA LYS A 24 1.91 -16.98 -19.60
C LYS A 24 2.40 -16.80 -18.17
N THR A 25 1.65 -17.29 -17.21
CA THR A 25 2.00 -17.15 -15.81
C THR A 25 1.40 -18.31 -15.02
N LEU A 26 1.49 -18.23 -13.70
CA LEU A 26 0.90 -19.21 -12.80
C LEU A 26 -0.08 -18.52 -11.89
N SER A 27 -1.17 -19.21 -11.57
CA SER A 27 -2.21 -18.64 -10.72
C SER A 27 -2.62 -19.71 -9.71
N LEU A 28 -3.77 -19.49 -9.06
CA LEU A 28 -4.29 -20.40 -8.05
C LEU A 28 -5.71 -20.80 -8.43
N CYS A 29 -6.06 -22.05 -8.14
CA CYS A 29 -7.44 -22.47 -8.28
C CYS A 29 -8.27 -21.82 -7.18
N PRO A 30 -9.35 -21.12 -7.51
CA PRO A 30 -10.18 -20.49 -6.46
C PRO A 30 -10.87 -21.49 -5.54
N ILE A 31 -10.91 -22.78 -5.90
CA ILE A 31 -11.61 -23.78 -5.12
C ILE A 31 -10.66 -24.46 -4.14
N CYS A 32 -9.57 -25.03 -4.66
CA CYS A 32 -8.63 -25.80 -3.85
C CYS A 32 -7.32 -25.09 -3.61
N LEU A 33 -7.14 -23.88 -4.14
CA LEU A 33 -5.93 -23.07 -3.93
C LEU A 33 -4.67 -23.77 -4.42
N LYS A 34 -4.80 -24.63 -5.42
CA LYS A 34 -3.65 -25.27 -6.02
C LYS A 34 -3.02 -24.37 -7.08
N ARG A 35 -1.72 -24.56 -7.30
CA ARG A 35 -0.98 -23.81 -8.30
C ARG A 35 -1.28 -24.38 -9.67
N ILE A 36 -1.78 -23.54 -10.57
CA ILE A 36 -2.26 -23.99 -11.88
C ILE A 36 -1.72 -23.08 -12.98
N PRO A 37 -1.59 -23.57 -14.22
CA PRO A 37 -1.15 -22.70 -15.31
C PRO A 37 -2.21 -21.66 -15.65
N ALA A 38 -1.74 -20.51 -16.14
CA ALA A 38 -2.61 -19.39 -16.45
C ALA A 38 -2.11 -18.68 -17.69
N THR A 39 -3.06 -18.08 -18.42
CA THR A 39 -2.76 -17.31 -19.62
C THR A 39 -3.35 -15.91 -19.47
N ILE A 40 -2.52 -14.90 -19.70
CA ILE A 40 -2.95 -13.51 -19.73
C ILE A 40 -3.11 -13.09 -21.18
N LEU A 41 -4.28 -12.59 -21.54
CA LEU A 41 -4.58 -12.28 -22.93
C LEU A 41 -5.43 -11.03 -23.03
N GLU A 42 -5.31 -10.35 -24.17
CA GLU A 42 -6.12 -9.18 -24.48
C GLU A 42 -7.40 -9.63 -25.19
N GLU A 43 -8.52 -9.03 -24.78
CA GLU A 43 -9.83 -9.43 -25.31
C GLU A 43 -10.79 -8.26 -25.16
N ASP A 44 -11.26 -7.73 -26.30
CA ASP A 44 -12.23 -6.63 -26.33
C ASP A 44 -11.70 -5.41 -25.55
N GLY A 45 -10.44 -5.07 -25.78
CA GLY A 45 -9.83 -3.94 -25.10
C GLY A 45 -9.53 -4.15 -23.64
N LYS A 46 -9.85 -5.31 -23.08
CA LYS A 46 -9.59 -5.62 -21.69
C LYS A 46 -8.58 -6.74 -21.58
N ILE A 47 -7.93 -6.81 -20.42
CA ILE A 47 -6.96 -7.86 -20.12
C ILE A 47 -7.61 -8.84 -19.16
N ILE A 48 -7.76 -10.09 -19.59
CA ILE A 48 -8.35 -11.13 -18.77
C ILE A 48 -7.29 -12.19 -18.49
N ILE A 49 -7.56 -13.01 -17.47
CA ILE A 49 -6.69 -14.13 -17.12
C ILE A 49 -7.53 -15.40 -17.12
N LYS A 50 -7.06 -16.40 -17.85
CA LYS A 50 -7.69 -17.72 -17.91
C LYS A 50 -6.74 -18.75 -17.33
N LYS A 51 -7.30 -19.69 -16.58
CA LYS A 51 -6.53 -20.74 -15.92
C LYS A 51 -7.39 -21.99 -15.84
N THR A 52 -6.74 -23.13 -15.64
CA THR A 52 -7.42 -24.42 -15.61
C THR A 52 -6.90 -25.23 -14.43
N CYS A 53 -7.80 -25.58 -13.51
CA CYS A 53 -7.44 -26.55 -12.48
C CYS A 53 -7.72 -27.95 -13.01
N PRO A 54 -6.76 -28.88 -12.90
CA PRO A 54 -6.98 -30.24 -13.41
C PRO A 54 -8.18 -30.93 -12.76
N GLU A 55 -8.62 -30.47 -11.59
CA GLU A 55 -9.75 -31.08 -10.90
C GLU A 55 -11.02 -30.26 -10.99
N HIS A 56 -10.93 -28.93 -11.01
CA HIS A 56 -12.09 -28.06 -10.95
C HIS A 56 -12.37 -27.30 -12.24
N GLY A 57 -11.60 -27.53 -13.29
CA GLY A 57 -11.89 -26.92 -14.57
C GLY A 57 -11.22 -25.57 -14.76
N GLU A 58 -11.81 -24.79 -15.66
CA GLU A 58 -11.22 -23.53 -16.10
C GLU A 58 -11.95 -22.33 -15.48
N PHE A 59 -11.19 -21.26 -15.26
CA PHE A 59 -11.69 -20.05 -14.63
C PHE A 59 -11.28 -18.84 -15.46
N LYS A 60 -12.04 -17.75 -15.30
CA LYS A 60 -11.84 -16.54 -16.07
C LYS A 60 -12.11 -15.33 -15.18
N ASP A 61 -11.22 -14.35 -15.25
CA ASP A 61 -11.35 -13.13 -14.46
C ASP A 61 -10.75 -11.96 -15.23
N ILE A 62 -11.19 -10.76 -14.89
CA ILE A 62 -10.64 -9.55 -15.47
C ILE A 62 -9.33 -9.22 -14.76
N TYR A 63 -8.23 -9.23 -15.52
CA TYR A 63 -6.92 -8.89 -14.96
C TYR A 63 -6.73 -7.38 -14.89
N TRP A 64 -6.93 -6.70 -16.02
CA TRP A 64 -6.83 -5.25 -16.11
C TRP A 64 -7.92 -4.75 -17.05
N GLY A 65 -8.65 -3.72 -16.63
CA GLY A 65 -9.80 -3.23 -17.38
C GLY A 65 -9.47 -2.50 -18.66
N ASP A 66 -8.20 -2.18 -18.90
CA ASP A 66 -7.80 -1.44 -20.10
C ASP A 66 -6.52 -2.06 -20.65
N ALA A 67 -6.59 -2.56 -21.89
CA ALA A 67 -5.44 -3.22 -22.50
C ALA A 67 -4.33 -2.22 -22.83
N GLU A 68 -4.71 -1.02 -23.28
CA GLU A 68 -3.71 -0.04 -23.66
C GLU A 68 -2.88 0.42 -22.47
N LEU A 69 -3.53 0.70 -21.34
CA LEU A 69 -2.78 1.06 -20.14
C LEU A 69 -1.96 -0.12 -19.62
N TYR A 70 -2.45 -1.35 -19.83
CA TYR A 70 -1.68 -2.53 -19.44
C TYR A 70 -0.36 -2.58 -20.20
N LYS A 71 -0.40 -2.38 -21.51
CA LYS A 71 0.83 -2.41 -22.31
C LYS A 71 1.75 -1.25 -21.95
N LYS A 72 1.18 -0.08 -21.65
CA LYS A 72 2.00 1.08 -21.29
C LYS A 72 2.74 0.83 -19.99
N PHE A 73 2.07 0.29 -18.98
CA PHE A 73 2.72 0.00 -17.71
C PHE A 73 3.76 -1.10 -17.82
N ASP A 74 3.64 -1.98 -18.81
CA ASP A 74 4.56 -3.09 -18.98
C ASP A 74 5.99 -2.65 -19.25
N LYS A 75 6.20 -1.37 -19.60
CA LYS A 75 7.55 -0.89 -19.91
C LYS A 75 8.32 -0.44 -18.67
N TYR A 76 7.68 -0.34 -17.51
CA TYR A 76 8.33 0.08 -16.28
C TYR A 76 8.72 -1.09 -15.40
N GLU A 77 8.86 -2.28 -15.98
CA GLU A 77 9.22 -3.46 -15.21
C GLU A 77 10.61 -3.31 -14.60
N PHE A 78 10.74 -3.66 -13.32
CA PHE A 78 12.01 -3.59 -12.61
C PHE A 78 12.15 -4.81 -11.72
N ILE A 79 13.21 -5.59 -11.93
CA ILE A 79 13.47 -6.80 -11.17
C ILE A 79 14.50 -6.48 -10.10
N GLY A 80 14.10 -6.62 -8.85
CA GLY A 80 14.98 -6.37 -7.72
C GLY A 80 15.76 -7.60 -7.30
N LYS A 81 16.29 -7.55 -6.09
CA LYS A 81 17.11 -8.64 -5.57
C LYS A 81 17.10 -8.58 -4.05
N ILE A 82 17.18 -9.75 -3.43
CA ILE A 82 17.27 -9.85 -1.98
C ILE A 82 18.58 -10.52 -1.61
N GLU A 83 18.96 -10.37 -0.36
CA GLU A 83 20.16 -11.00 0.17
C GLU A 83 19.91 -11.80 1.44
N VAL A 84 18.98 -11.34 2.28
CA VAL A 84 18.65 -12.01 3.54
C VAL A 84 17.35 -12.78 3.32
N THR A 85 17.39 -14.08 3.56
CA THR A 85 16.22 -14.95 3.44
C THR A 85 15.81 -15.49 4.80
N ASN A 86 14.58 -16.02 4.85
CA ASN A 86 14.07 -16.65 6.06
C ASN A 86 13.60 -18.08 5.84
N THR A 87 13.27 -18.47 4.61
CA THR A 87 12.88 -19.82 4.28
C THR A 87 13.70 -20.29 3.09
N LYS A 88 13.55 -21.57 2.76
CA LYS A 88 14.27 -22.18 1.66
C LYS A 88 13.29 -22.65 0.59
N VAL A 89 13.82 -22.94 -0.59
CA VAL A 89 13.02 -23.55 -1.65
C VAL A 89 12.65 -24.96 -1.23
N LYS A 90 11.34 -25.27 -1.28
CA LYS A 90 10.88 -26.60 -0.91
C LYS A 90 9.75 -27.06 -1.83
N ASN A 91 8.73 -26.22 -1.99
CA ASN A 91 7.60 -26.54 -2.85
C ASN A 91 7.41 -25.55 -3.99
N GLY A 92 8.26 -24.54 -4.10
CA GLY A 92 8.12 -23.53 -5.14
C GLY A 92 7.12 -22.46 -4.76
N CYS A 93 7.19 -21.36 -5.51
CA CYS A 93 6.26 -20.26 -5.32
C CYS A 93 4.85 -20.69 -5.72
N PRO A 94 3.81 -20.26 -5.00
CA PRO A 94 3.81 -19.38 -3.84
C PRO A 94 3.69 -20.10 -2.49
N TYR A 95 4.38 -21.23 -2.35
CA TYR A 95 4.26 -22.07 -1.17
C TYR A 95 5.44 -21.98 -0.21
N ASP A 96 6.46 -21.19 -0.53
CA ASP A 96 7.69 -21.15 0.25
C ASP A 96 7.89 -19.85 1.03
N CYS A 97 6.85 -19.03 1.14
CA CYS A 97 6.97 -17.78 1.89
C CYS A 97 7.30 -18.08 3.36
N GLY A 98 8.29 -17.38 3.89
CA GLY A 98 9.08 -16.39 3.18
C GLY A 98 10.01 -15.69 4.14
N LEU A 99 11.00 -14.96 3.63
CA LEU A 99 11.24 -14.84 2.20
C LEU A 99 12.17 -15.96 1.74
N CYS A 100 11.83 -16.60 0.64
CA CYS A 100 12.63 -17.67 0.07
C CYS A 100 13.70 -17.08 -0.84
N PRO A 101 14.70 -17.89 -1.24
CA PRO A 101 15.78 -17.35 -2.08
C PRO A 101 15.32 -16.79 -3.42
N ASN A 102 14.12 -17.12 -3.89
CA ASN A 102 13.67 -16.69 -5.20
C ASN A 102 12.83 -15.42 -5.17
N HIS A 103 12.64 -14.80 -4.01
CA HIS A 103 11.88 -13.56 -3.98
C HIS A 103 12.74 -12.42 -4.50
N LYS A 104 12.09 -11.44 -5.15
CA LYS A 104 12.76 -10.44 -5.94
C LYS A 104 12.64 -9.02 -5.37
N SER A 105 12.22 -8.89 -4.11
CA SER A 105 12.09 -7.58 -3.50
C SER A 105 12.24 -7.70 -1.99
N THR A 106 12.91 -6.73 -1.39
CA THR A 106 13.00 -6.68 0.06
C THR A 106 11.79 -5.96 0.63
N THR A 107 11.60 -6.09 1.95
CA THR A 107 10.46 -5.48 2.61
C THR A 107 10.63 -3.95 2.60
N ILE A 108 9.77 -3.26 1.85
CA ILE A 108 9.74 -1.81 1.89
C ILE A 108 8.80 -1.33 3.00
N LEU A 109 7.58 -1.86 3.04
CA LEU A 109 6.64 -1.61 4.12
C LEU A 109 6.26 -2.94 4.75
N ALA A 110 6.48 -3.06 6.05
CA ALA A 110 6.14 -4.27 6.78
C ALA A 110 4.83 -4.07 7.52
N ASN A 111 4.04 -5.15 7.59
CA ASN A 111 2.84 -5.20 8.42
C ASN A 111 3.09 -6.15 9.58
N ILE A 112 2.67 -5.74 10.77
CA ILE A 112 2.62 -6.62 11.93
C ILE A 112 1.19 -6.58 12.45
N ASP A 113 0.51 -7.72 12.36
CA ASP A 113 -0.83 -7.84 12.94
C ASP A 113 -0.70 -7.92 14.45
N VAL A 114 -1.13 -6.87 15.15
CA VAL A 114 -1.01 -6.84 16.60
C VAL A 114 -2.19 -7.50 17.29
N THR A 115 -3.29 -7.73 16.58
CA THR A 115 -4.46 -8.38 17.17
C THR A 115 -5.39 -8.81 16.05
N ASN A 116 -6.25 -9.77 16.36
CA ASN A 116 -7.39 -10.10 15.51
C ASN A 116 -8.71 -9.67 16.13
N ARG A 117 -8.67 -9.03 17.30
CA ARG A 117 -9.86 -8.42 17.88
C ARG A 117 -10.19 -7.11 17.16
N CYS A 118 -11.46 -6.73 17.20
CA CYS A 118 -11.88 -5.50 16.54
C CYS A 118 -13.16 -5.02 17.21
N ASN A 119 -13.33 -3.69 17.23
CA ASN A 119 -14.55 -3.08 17.75
C ASN A 119 -15.60 -2.87 16.66
N LEU A 120 -15.39 -3.44 15.48
CA LEU A 120 -16.36 -3.41 14.39
C LEU A 120 -16.61 -4.84 13.92
N ASN A 121 -17.55 -4.99 13.00
CA ASN A 121 -17.89 -6.27 12.40
C ASN A 121 -18.27 -6.03 10.93
N CYS A 122 -17.31 -5.55 10.16
CA CYS A 122 -17.60 -5.10 8.80
C CYS A 122 -17.92 -6.28 7.89
N PRO A 123 -18.92 -6.14 7.01
CA PRO A 123 -19.17 -7.20 6.03
C PRO A 123 -18.01 -7.43 5.08
N ILE A 124 -17.21 -6.41 4.80
CA ILE A 124 -16.05 -6.52 3.93
C ILE A 124 -14.81 -6.37 4.81
N CYS A 125 -14.03 -7.45 4.89
CA CYS A 125 -12.84 -7.46 5.74
C CYS A 125 -11.92 -8.58 5.25
N PHE A 126 -10.80 -8.20 4.62
CA PHE A 126 -9.90 -9.22 4.09
C PHE A 126 -9.26 -10.06 5.19
N ALA A 127 -9.27 -9.57 6.43
CA ALA A 127 -8.73 -10.33 7.56
C ALA A 127 -9.75 -11.25 8.20
N ASN A 128 -11.05 -11.02 7.95
CA ASN A 128 -12.13 -11.84 8.52
C ASN A 128 -12.02 -11.91 10.04
N ALA A 129 -11.92 -10.73 10.66
CA ALA A 129 -11.69 -10.64 12.09
C ALA A 129 -12.96 -11.01 12.87
N ASN A 130 -12.76 -11.35 14.15
CA ASN A 130 -13.79 -11.68 15.12
C ASN A 130 -14.57 -12.94 14.80
N LYS A 131 -14.25 -13.65 13.71
CA LYS A 131 -15.02 -14.79 13.25
C LYS A 131 -14.26 -16.11 13.45
N SER A 132 -13.55 -16.23 14.57
CA SER A 132 -12.75 -17.42 14.82
C SER A 132 -12.92 -18.01 16.22
N GLY A 133 -13.46 -17.27 17.18
CA GLY A 133 -13.51 -17.76 18.54
C GLY A 133 -12.16 -17.90 19.20
N LYS A 134 -11.11 -17.30 18.63
CA LYS A 134 -9.77 -17.33 19.19
C LYS A 134 -9.17 -15.94 19.10
N VAL A 135 -8.30 -15.61 20.05
CA VAL A 135 -7.66 -14.30 20.13
C VAL A 135 -6.20 -14.45 19.78
N TYR A 136 -5.75 -13.67 18.80
CA TYR A 136 -4.36 -13.62 18.36
C TYR A 136 -3.82 -12.25 18.74
N GLU A 137 -2.94 -12.20 19.75
CA GLU A 137 -2.35 -10.94 20.20
C GLU A 137 -0.93 -11.19 20.65
N PRO A 138 0.04 -11.05 19.73
CA PRO A 138 1.44 -11.27 20.12
C PRO A 138 1.88 -10.32 21.23
N SER A 139 2.78 -10.82 22.07
CA SER A 139 3.28 -10.02 23.18
C SER A 139 4.21 -8.93 22.67
N PHE A 140 4.54 -8.00 23.58
CA PHE A 140 5.53 -6.97 23.28
C PHE A 140 6.85 -7.60 22.83
N GLU A 141 7.22 -8.72 23.46
CA GLU A 141 8.49 -9.36 23.14
C GLU A 141 8.42 -10.09 21.79
N ASP A 142 7.27 -10.69 21.47
CA ASP A 142 7.09 -11.28 20.16
C ASP A 142 7.19 -10.23 19.06
N ILE A 143 6.59 -9.06 19.29
CA ILE A 143 6.58 -8.02 18.27
C ILE A 143 7.98 -7.44 18.07
N LYS A 144 8.76 -7.32 19.15
CA LYS A 144 10.13 -6.83 19.02
C LYS A 144 10.97 -7.81 18.21
N ARG A 145 10.78 -9.11 18.41
CA ARG A 145 11.52 -10.10 17.64
C ARG A 145 11.15 -10.01 16.16
N MET A 146 9.86 -9.83 15.86
CA MET A 146 9.45 -9.65 14.47
C MET A 146 10.10 -8.41 13.86
N MET A 147 10.20 -7.33 14.64
CA MET A 147 10.87 -6.13 14.16
C MET A 147 12.34 -6.39 13.87
N GLU A 148 12.99 -7.19 14.73
CA GLU A 148 14.40 -7.51 14.52
C GLU A 148 14.59 -8.29 13.22
N ASN A 149 13.69 -9.22 12.91
CA ASN A 149 13.75 -9.93 11.64
C ASN A 149 13.64 -8.96 10.47
N LEU A 150 12.79 -7.94 10.60
CA LEU A 150 12.63 -6.97 9.52
C LEU A 150 13.86 -6.08 9.39
N ARG A 151 14.47 -5.70 10.52
CA ARG A 151 15.64 -4.85 10.48
C ARG A 151 16.89 -5.60 10.03
N LYS A 152 16.88 -6.93 10.06
CA LYS A 152 18.02 -7.72 9.61
C LYS A 152 18.16 -7.76 8.10
N GLU A 153 17.15 -7.34 7.35
CA GLU A 153 17.23 -7.40 5.90
C GLU A 153 18.26 -6.42 5.37
N ILE A 154 18.69 -6.64 4.13
CA ILE A 154 19.64 -5.77 3.46
C ILE A 154 18.97 -5.22 2.21
N PRO A 155 18.59 -3.93 2.17
CA PRO A 155 18.71 -2.98 3.26
C PRO A 155 17.63 -3.20 4.33
N PRO A 156 17.81 -2.66 5.54
CA PRO A 156 16.81 -2.86 6.58
C PRO A 156 15.46 -2.28 6.18
N THR A 157 14.40 -2.93 6.64
CA THR A 157 13.05 -2.49 6.37
C THR A 157 12.84 -1.08 6.92
N PRO A 158 12.50 -0.09 6.09
CA PRO A 158 12.45 1.29 6.57
C PRO A 158 11.11 1.68 7.19
N ALA A 159 10.04 0.98 6.85
CA ALA A 159 8.70 1.35 7.28
C ALA A 159 7.96 0.14 7.84
N ILE A 160 7.15 0.39 8.87
CA ILE A 160 6.37 -0.66 9.51
C ILE A 160 4.97 -0.12 9.80
N GLN A 161 3.96 -0.98 9.67
CA GLN A 161 2.58 -0.63 9.92
C GLN A 161 1.95 -1.65 10.84
N PHE A 162 1.28 -1.17 11.88
CA PHE A 162 0.50 -2.03 12.77
C PHE A 162 -0.91 -2.17 12.21
N ALA A 163 -1.39 -3.39 12.13
CA ALA A 163 -2.71 -3.67 11.55
C ALA A 163 -3.34 -4.82 12.32
N GLY A 164 -4.43 -5.35 11.76
CA GLY A 164 -5.14 -6.45 12.36
C GLY A 164 -6.34 -6.86 11.51
N GLY A 165 -7.54 -6.86 12.10
CA GLY A 165 -7.74 -6.43 13.48
C GLY A 165 -7.75 -4.93 13.62
N GLU A 166 -8.19 -4.43 14.78
CA GLU A 166 -8.13 -3.02 15.07
C GLU A 166 -7.05 -2.77 16.12
N PRO A 167 -5.91 -2.17 15.76
CA PRO A 167 -4.81 -2.03 16.73
C PRO A 167 -5.16 -1.17 17.93
N THR A 168 -6.09 -0.22 17.80
CA THR A 168 -6.38 0.67 18.90
C THR A 168 -7.15 0.00 20.04
N VAL A 169 -7.54 -1.27 19.89
CA VAL A 169 -8.13 -1.99 21.02
C VAL A 169 -7.08 -2.63 21.91
N ARG A 170 -5.80 -2.44 21.61
CA ARG A 170 -4.71 -2.82 22.50
C ARG A 170 -4.30 -1.60 23.32
N SER A 171 -4.22 -1.79 24.64
CA SER A 171 -3.85 -0.67 25.51
C SER A 171 -2.37 -0.33 25.41
N ASP A 172 -1.54 -1.24 24.93
CA ASP A 172 -0.11 -1.00 24.80
C ASP A 172 0.29 -0.48 23.43
N LEU A 173 -0.67 -0.09 22.59
CA LEU A 173 -0.35 0.44 21.28
C LEU A 173 0.61 1.63 21.31
N PRO A 174 0.48 2.61 22.21
CA PRO A 174 1.51 3.66 22.27
C PRO A 174 2.91 3.12 22.54
N GLU A 175 3.03 2.12 23.42
CA GLU A 175 4.33 1.51 23.66
C GLU A 175 4.85 0.77 22.44
N LEU A 176 3.95 0.17 21.64
CA LEU A 176 4.38 -0.49 20.41
C LEU A 176 4.91 0.53 19.40
N ILE A 177 4.27 1.71 19.33
CA ILE A 177 4.74 2.75 18.42
C ILE A 177 6.11 3.25 18.85
N LYS A 178 6.32 3.44 20.15
CA LYS A 178 7.63 3.83 20.66
C LYS A 178 8.68 2.77 20.35
N LEU A 179 8.29 1.50 20.44
CA LEU A 179 9.22 0.42 20.14
C LEU A 179 9.68 0.48 18.69
N ALA A 180 8.75 0.72 17.76
CA ALA A 180 9.11 0.81 16.35
C ALA A 180 10.09 1.94 16.10
N ARG A 181 9.94 3.06 16.82
CA ARG A 181 10.91 4.14 16.70
C ARG A 181 12.25 3.74 17.29
N ASP A 182 12.24 3.08 18.45
CA ASP A 182 13.49 2.64 19.07
C ASP A 182 14.19 1.57 18.25
N MET A 183 13.48 0.86 17.37
CA MET A 183 14.07 -0.18 16.55
C MET A 183 14.67 0.36 15.26
N GLY A 184 14.51 1.65 14.97
CA GLY A 184 15.15 2.28 13.83
C GLY A 184 14.27 2.51 12.62
N PHE A 185 12.99 2.20 12.69
CA PHE A 185 12.10 2.41 11.56
C PHE A 185 11.92 3.90 11.31
N LEU A 186 12.11 4.33 10.06
CA LEU A 186 11.95 5.73 9.70
C LEU A 186 10.50 6.15 9.59
N HIS A 187 9.58 5.20 9.42
CA HIS A 187 8.18 5.49 9.18
C HIS A 187 7.35 4.48 9.95
N VAL A 188 6.49 4.97 10.85
CA VAL A 188 5.64 4.13 11.68
C VAL A 188 4.19 4.48 11.36
N GLN A 189 3.46 3.49 10.83
CA GLN A 189 2.12 3.71 10.32
C GLN A 189 1.09 2.92 11.12
N LEU A 190 -0.12 3.44 11.18
CA LEU A 190 -1.22 2.82 11.91
C LEU A 190 -2.40 2.65 10.97
N ALA A 191 -2.75 1.41 10.67
CA ALA A 191 -3.98 1.11 9.93
C ALA A 191 -5.11 0.94 10.94
N THR A 192 -6.15 1.76 10.83
CA THR A 192 -7.17 1.80 11.87
C THR A 192 -8.49 2.25 11.28
N ASN A 193 -9.59 1.82 11.91
CA ASN A 193 -10.90 2.34 11.58
C ASN A 193 -11.13 3.72 12.18
N GLY A 194 -10.25 4.18 13.07
CA GLY A 194 -10.28 5.53 13.59
C GLY A 194 -11.30 5.78 14.68
N ILE A 195 -12.09 4.78 15.07
CA ILE A 195 -13.18 5.03 16.01
C ILE A 195 -12.64 5.56 17.34
N LYS A 196 -11.63 4.90 17.89
CA LYS A 196 -11.06 5.34 19.15
C LYS A 196 -10.29 6.65 19.03
N LEU A 197 -10.02 7.12 17.82
CA LEU A 197 -9.34 8.39 17.61
C LEU A 197 -10.28 9.58 17.70
N LYS A 198 -11.58 9.36 17.91
CA LYS A 198 -12.49 10.47 18.19
C LYS A 198 -12.20 11.10 19.54
N ASN A 199 -11.55 10.36 20.45
CA ASN A 199 -11.03 10.92 21.68
C ASN A 199 -9.73 11.65 21.39
N ILE A 200 -9.73 12.97 21.60
CA ILE A 200 -8.58 13.77 21.17
C ILE A 200 -7.37 13.52 22.04
N ASN A 201 -7.58 13.12 23.31
CA ASN A 201 -6.45 12.85 24.18
C ASN A 201 -5.73 11.57 23.80
N TYR A 202 -6.47 10.56 23.33
CA TYR A 202 -5.82 9.34 22.86
C TYR A 202 -5.00 9.61 21.60
N LEU A 203 -5.55 10.40 20.67
CA LEU A 203 -4.79 10.77 19.48
C LEU A 203 -3.50 11.49 19.85
N LYS A 204 -3.54 12.33 20.88
CA LYS A 204 -2.33 12.99 21.35
C LYS A 204 -1.31 11.97 21.85
N LYS A 205 -1.79 10.92 22.53
CA LYS A 205 -0.86 9.90 23.03
C LYS A 205 -0.17 9.18 21.89
N LEU A 206 -0.90 8.89 20.80
CA LEU A 206 -0.27 8.25 19.65
C LEU A 206 0.72 9.19 18.98
N LYS A 207 0.39 10.47 18.86
CA LYS A 207 1.29 11.43 18.25
C LYS A 207 2.57 11.57 19.06
N GLU A 208 2.44 11.72 20.37
CA GLU A 208 3.62 11.85 21.23
C GLU A 208 4.43 10.56 21.30
N ALA A 209 3.82 9.41 21.01
CA ALA A 209 4.56 8.16 21.00
C ALA A 209 5.49 8.04 19.79
N GLY A 210 5.27 8.83 18.76
CA GLY A 210 6.09 8.81 17.58
C GLY A 210 5.43 8.29 16.31
N LEU A 211 4.11 8.23 16.26
CA LEU A 211 3.42 7.72 15.07
C LEU A 211 3.63 8.66 13.90
N SER A 212 3.97 8.08 12.74
CA SER A 212 4.22 8.90 11.56
C SER A 212 2.95 9.21 10.80
N THR A 213 2.14 8.19 10.52
CA THR A 213 1.02 8.33 9.60
C THR A 213 -0.15 7.47 10.06
N ILE A 214 -1.36 8.01 9.91
CA ILE A 214 -2.59 7.29 10.19
C ILE A 214 -3.18 6.82 8.86
N TYR A 215 -3.28 5.51 8.69
CA TYR A 215 -3.85 4.89 7.50
C TYR A 215 -5.33 4.65 7.79
N LEU A 216 -6.16 5.63 7.45
CA LEU A 216 -7.52 5.72 7.95
C LEU A 216 -8.51 5.12 6.96
N GLN A 217 -9.17 4.04 7.38
CA GLN A 217 -10.31 3.48 6.67
C GLN A 217 -11.37 4.56 6.44
N PHE A 218 -11.74 4.77 5.17
CA PHE A 218 -12.59 5.91 4.81
C PHE A 218 -13.30 5.55 3.50
N ASP A 219 -14.51 5.03 3.60
CA ASP A 219 -15.18 4.43 2.45
C ASP A 219 -15.92 5.41 1.56
N GLY A 220 -16.20 6.62 2.02
CA GLY A 220 -16.87 7.57 1.15
C GLY A 220 -17.15 8.88 1.86
N ILE A 221 -17.82 9.76 1.13
CA ILE A 221 -18.25 11.06 1.64
C ILE A 221 -19.73 11.11 1.93
N SER A 222 -20.46 10.01 1.74
CA SER A 222 -21.85 9.89 2.13
C SER A 222 -22.01 8.66 3.01
N GLU A 223 -23.20 8.50 3.58
CA GLU A 223 -23.41 7.47 4.59
C GLU A 223 -23.55 6.08 3.98
N LYS A 224 -24.06 5.97 2.75
CA LYS A 224 -24.36 4.66 2.18
C LYS A 224 -23.14 3.75 2.05
N PRO A 225 -21.96 4.22 1.60
CA PRO A 225 -20.81 3.31 1.55
C PRO A 225 -20.46 2.72 2.90
N TYR A 226 -20.58 3.50 3.98
CA TYR A 226 -20.30 2.97 5.31
C TYR A 226 -21.36 1.95 5.74
N LEU A 227 -22.61 2.16 5.33
CA LEU A 227 -23.66 1.19 5.65
C LEU A 227 -23.41 -0.13 4.93
N VAL A 228 -23.00 -0.06 3.66
CA VAL A 228 -22.77 -1.28 2.89
C VAL A 228 -21.49 -1.98 3.33
N ALA A 229 -20.41 -1.21 3.47
CA ALA A 229 -19.10 -1.83 3.70
C ALA A 229 -18.81 -2.07 5.18
N ARG A 230 -19.37 -1.25 6.07
CA ARG A 230 -19.07 -1.35 7.49
C ARG A 230 -20.27 -1.76 8.33
N GLY A 231 -21.48 -1.74 7.79
CA GLY A 231 -22.65 -2.11 8.55
C GLY A 231 -23.22 -1.03 9.44
N LYS A 232 -22.69 0.19 9.38
CA LYS A 232 -23.19 1.32 10.15
C LYS A 232 -22.57 2.59 9.58
N ASN A 233 -23.21 3.72 9.88
CA ASN A 233 -22.77 5.02 9.36
C ASN A 233 -21.65 5.54 10.26
N LEU A 234 -20.41 5.40 9.79
CA LEU A 234 -19.23 5.88 10.51
C LEU A 234 -18.75 7.24 10.01
N LEU A 235 -19.43 7.83 9.03
CA LEU A 235 -18.96 9.08 8.45
C LEU A 235 -18.79 10.20 9.47
N PRO A 236 -19.71 10.43 10.43
CA PRO A 236 -19.44 11.47 11.44
C PRO A 236 -18.22 11.18 12.28
N ILE A 237 -17.96 9.91 12.59
CA ILE A 237 -16.77 9.56 13.35
C ILE A 237 -15.51 9.85 12.52
N LYS A 238 -15.54 9.52 11.22
CA LYS A 238 -14.40 9.80 10.36
C LYS A 238 -14.08 11.29 10.33
N GLN A 239 -15.11 12.13 10.13
CA GLN A 239 -14.89 13.57 10.09
C GLN A 239 -14.39 14.10 11.42
N LYS A 240 -14.84 13.50 12.53
CA LYS A 240 -14.34 13.91 13.84
C LYS A 240 -12.86 13.60 14.00
N VAL A 241 -12.42 12.46 13.44
CA VAL A 241 -11.00 12.13 13.47
C VAL A 241 -10.19 13.16 12.70
N ILE A 242 -10.67 13.55 11.52
CA ILE A 242 -10.01 14.59 10.75
C ILE A 242 -9.99 15.90 11.53
N GLU A 243 -11.10 16.22 12.21
CA GLU A 243 -11.15 17.43 13.02
C GLU A 243 -10.14 17.37 14.16
N ASN A 244 -10.00 16.22 14.81
CA ASN A 244 -9.05 16.09 15.90
C ASN A 244 -7.61 16.16 15.40
N CYS A 245 -7.35 15.68 14.17
CA CYS A 245 -6.00 15.74 13.63
C CYS A 245 -5.58 17.18 13.37
N LYS A 246 -6.51 18.02 12.92
CA LYS A 246 -6.21 19.45 12.78
C LYS A 246 -5.90 20.08 14.13
N LYS A 247 -6.69 19.75 15.15
CA LYS A 247 -6.56 20.41 16.45
C LYS A 247 -5.22 20.09 17.11
N VAL A 248 -4.76 18.84 16.98
CA VAL A 248 -3.50 18.44 17.60
C VAL A 248 -2.30 18.60 16.67
N GLY A 249 -2.53 18.91 15.40
CA GLY A 249 -1.43 19.09 14.47
C GLY A 249 -0.87 17.83 13.88
N PHE A 250 -1.65 16.74 13.85
CA PHE A 250 -1.21 15.52 13.18
C PHE A 250 -1.52 15.67 11.69
N ASP A 251 -0.48 15.94 10.91
CA ASP A 251 -0.63 16.36 9.52
C ASP A 251 -0.28 15.26 8.53
N SER A 252 -0.43 13.99 8.92
CA SER A 252 -0.10 12.86 8.04
C SER A 252 -1.20 11.81 8.15
N VAL A 253 -2.29 12.03 7.42
CA VAL A 253 -3.42 11.10 7.36
C VAL A 253 -3.59 10.65 5.92
N VAL A 254 -3.80 9.36 5.73
CA VAL A 254 -4.10 8.77 4.43
C VAL A 254 -5.49 8.17 4.51
N LEU A 255 -6.38 8.62 3.63
CA LEU A 255 -7.72 8.04 3.54
C LEU A 255 -7.66 6.77 2.70
N VAL A 256 -8.29 5.71 3.18
CA VAL A 256 -8.20 4.40 2.53
C VAL A 256 -9.58 3.91 2.16
N PRO A 257 -10.10 4.25 0.98
CA PRO A 257 -11.40 3.74 0.56
C PRO A 257 -11.30 2.35 -0.06
N THR A 258 -12.10 1.40 0.43
CA THR A 258 -12.24 0.10 -0.22
C THR A 258 -13.21 0.29 -1.39
N LEU A 259 -12.68 0.26 -2.61
CA LEU A 259 -13.46 0.60 -3.79
C LEU A 259 -14.29 -0.61 -4.21
N VAL A 260 -15.60 -0.43 -4.29
CA VAL A 260 -16.54 -1.48 -4.68
C VAL A 260 -17.47 -0.89 -5.73
N ARG A 261 -17.54 -1.54 -6.90
CA ARG A 261 -18.45 -1.09 -7.94
C ARG A 261 -19.89 -1.17 -7.46
N GLY A 262 -20.63 -0.08 -7.64
CA GLY A 262 -22.00 0.01 -7.18
C GLY A 262 -22.18 0.51 -5.78
N VAL A 263 -21.09 0.84 -5.07
CA VAL A 263 -21.18 1.31 -3.69
C VAL A 263 -20.52 2.68 -3.58
N ASN A 264 -19.25 2.77 -3.96
CA ASN A 264 -18.54 4.05 -3.84
C ASN A 264 -17.68 4.37 -5.06
N ASP A 265 -17.83 3.65 -6.18
CA ASP A 265 -17.12 4.03 -7.39
C ASP A 265 -17.62 5.36 -7.94
N ASN A 266 -18.79 5.82 -7.51
CA ASN A 266 -19.31 7.13 -7.87
C ASN A 266 -18.76 8.25 -6.99
N GLU A 267 -18.02 7.92 -5.94
CA GLU A 267 -17.50 8.91 -5.00
C GLU A 267 -15.99 9.03 -5.05
N VAL A 268 -15.36 8.56 -6.13
CA VAL A 268 -13.90 8.67 -6.25
C VAL A 268 -13.48 10.13 -6.25
N GLY A 269 -14.15 10.95 -7.06
CA GLY A 269 -13.84 12.37 -7.09
C GLY A 269 -14.20 13.08 -5.80
N GLY A 270 -15.34 12.71 -5.20
CA GLY A 270 -15.74 13.35 -3.95
C GLY A 270 -14.75 13.11 -2.83
N ILE A 271 -14.23 11.89 -2.72
CA ILE A 271 -13.22 11.60 -1.70
C ILE A 271 -11.97 12.43 -1.96
N ILE A 272 -11.56 12.54 -3.22
CA ILE A 272 -10.38 13.33 -3.57
C ILE A 272 -10.62 14.79 -3.21
N ARG A 273 -11.80 15.32 -3.53
CA ARG A 273 -12.09 16.73 -3.25
C ARG A 273 -12.17 16.99 -1.74
N TYR A 274 -12.76 16.05 -0.99
CA TYR A 274 -12.79 16.21 0.46
C TYR A 274 -11.38 16.18 1.05
N ALA A 275 -10.53 15.29 0.52
CA ALA A 275 -9.15 15.25 0.99
C ALA A 275 -8.39 16.52 0.62
N ALA A 276 -8.66 17.07 -0.57
CA ALA A 276 -8.00 18.30 -0.98
C ALA A 276 -8.42 19.47 -0.09
N GLU A 277 -9.69 19.49 0.33
CA GLU A 277 -10.14 20.53 1.25
C GLU A 277 -9.46 20.43 2.61
N ASN A 278 -8.96 19.25 2.97
CA ASN A 278 -8.28 19.02 4.24
C ASN A 278 -6.83 18.59 4.01
N VAL A 279 -6.20 19.17 2.97
CA VAL A 279 -4.84 18.79 2.61
C VAL A 279 -3.83 19.16 3.69
N ASP A 280 -4.22 19.96 4.67
CA ASP A 280 -3.30 20.29 5.76
C ASP A 280 -2.99 19.07 6.63
N VAL A 281 -3.90 18.09 6.66
CA VAL A 281 -3.68 16.90 7.47
C VAL A 281 -3.69 15.65 6.59
N VAL A 282 -4.42 15.69 5.49
CA VAL A 282 -4.55 14.54 4.59
C VAL A 282 -3.42 14.59 3.58
N ARG A 283 -2.51 13.63 3.67
CA ARG A 283 -1.37 13.55 2.76
C ARG A 283 -1.63 12.67 1.54
N GLY A 284 -2.69 11.87 1.55
CA GLY A 284 -2.93 11.01 0.42
C GLY A 284 -4.24 10.27 0.55
N ILE A 285 -4.66 9.69 -0.57
CA ILE A 285 -5.77 8.76 -0.63
C ILE A 285 -5.28 7.51 -1.36
N ASN A 286 -5.31 6.38 -0.67
CA ASN A 286 -4.90 5.11 -1.26
C ASN A 286 -6.15 4.26 -1.46
N PHE A 287 -6.67 4.25 -2.67
CA PHE A 287 -7.83 3.42 -2.98
C PHE A 287 -7.43 1.96 -3.06
N GLN A 288 -8.25 1.09 -2.46
CA GLN A 288 -7.99 -0.34 -2.46
C GLN A 288 -9.17 -1.04 -3.10
N PRO A 289 -9.08 -1.43 -4.38
CA PRO A 289 -10.16 -2.23 -4.98
C PRO A 289 -10.41 -3.48 -4.17
N VAL A 290 -11.69 -3.81 -4.00
CA VAL A 290 -12.07 -4.91 -3.11
C VAL A 290 -11.36 -6.18 -3.55
N SER A 291 -10.65 -6.79 -2.61
CA SER A 291 -9.91 -8.03 -2.85
C SER A 291 -10.70 -9.18 -2.24
N PHE A 292 -11.03 -10.17 -3.08
CA PHE A 292 -11.90 -11.27 -2.66
C PHE A 292 -11.14 -12.28 -1.80
N THR A 293 -10.71 -11.79 -0.63
CA THR A 293 -10.09 -12.62 0.40
C THR A 293 -10.80 -12.35 1.72
N GLY A 294 -10.66 -13.30 2.64
CA GLY A 294 -11.27 -13.16 3.96
C GLY A 294 -12.78 -13.20 3.93
N ARG A 295 -13.42 -12.07 4.27
CA ARG A 295 -14.87 -11.99 4.36
C ARG A 295 -15.38 -10.93 3.39
N VAL A 296 -16.18 -11.36 2.41
CA VAL A 296 -16.84 -10.47 1.46
C VAL A 296 -18.28 -10.89 1.36
N ASP A 297 -19.18 -9.91 1.31
CA ASP A 297 -20.60 -10.22 1.10
C ASP A 297 -20.80 -10.75 -0.32
N GLU A 298 -21.86 -11.56 -0.48
CA GLU A 298 -22.06 -12.28 -1.74
C GLU A 298 -22.35 -11.34 -2.90
N LYS A 299 -22.90 -10.16 -2.63
CA LYS A 299 -23.17 -9.21 -3.71
C LYS A 299 -21.89 -8.52 -4.18
N THR A 300 -21.04 -8.09 -3.26
CA THR A 300 -19.76 -7.49 -3.63
C THR A 300 -18.87 -8.50 -4.35
N LEU A 301 -18.94 -9.77 -3.94
CA LEU A 301 -18.12 -10.80 -4.55
C LEU A 301 -18.44 -10.99 -6.03
N LEU A 302 -19.70 -10.75 -6.41
CA LEU A 302 -20.16 -11.04 -7.77
C LEU A 302 -20.07 -9.84 -8.71
N GLU A 303 -20.31 -8.64 -8.20
CA GLU A 303 -20.45 -7.45 -9.04
C GLU A 303 -19.26 -6.50 -8.96
N GLY A 304 -18.73 -6.23 -7.78
CA GLY A 304 -17.82 -5.11 -7.59
C GLY A 304 -16.36 -5.31 -7.97
N ARG A 305 -16.09 -6.09 -9.02
CA ARG A 305 -14.72 -6.26 -9.48
C ARG A 305 -14.28 -5.02 -10.26
N ILE A 306 -13.25 -4.34 -9.76
CA ILE A 306 -12.70 -3.16 -10.42
C ILE A 306 -11.18 -3.23 -10.36
N THR A 307 -10.54 -2.78 -11.43
CA THR A 307 -9.10 -2.88 -11.60
C THR A 307 -8.47 -1.49 -11.59
N ILE A 308 -7.14 -1.48 -11.64
CA ILE A 308 -6.40 -0.21 -11.59
C ILE A 308 -6.80 0.74 -12.72
N PRO A 309 -6.83 0.33 -13.99
CA PRO A 309 -7.22 1.28 -15.04
C PRO A 309 -8.66 1.74 -14.91
N ASP A 310 -9.56 0.90 -14.39
CA ASP A 310 -10.92 1.36 -14.11
C ASP A 310 -10.92 2.49 -13.11
N PHE A 311 -10.06 2.40 -12.08
CA PHE A 311 -9.94 3.49 -11.12
C PHE A 311 -9.38 4.75 -11.76
N ILE A 312 -8.33 4.61 -12.58
CA ILE A 312 -7.77 5.76 -13.27
C ILE A 312 -8.84 6.45 -14.12
N LYS A 313 -9.70 5.66 -14.76
CA LYS A 313 -10.78 6.23 -15.55
C LYS A 313 -11.75 7.01 -14.67
N LEU A 314 -12.03 6.49 -13.46
CA LEU A 314 -12.95 7.18 -12.55
C LEU A 314 -12.37 8.50 -12.09
N VAL A 315 -11.05 8.55 -11.87
CA VAL A 315 -10.42 9.80 -11.45
C VAL A 315 -10.54 10.86 -12.55
N GLU A 316 -10.22 10.48 -13.78
CA GLU A 316 -10.29 11.44 -14.88
C GLU A 316 -11.72 11.92 -15.13
N GLU A 317 -12.71 11.05 -14.90
CA GLU A 317 -14.09 11.42 -15.14
C GLU A 317 -14.63 12.31 -14.02
N GLN A 318 -14.30 11.98 -12.77
CA GLN A 318 -14.88 12.67 -11.62
C GLN A 318 -14.02 13.83 -11.11
N THR A 319 -12.91 14.13 -11.78
CA THR A 319 -12.15 15.34 -11.52
C THR A 319 -12.24 16.34 -12.67
N ASP A 320 -13.10 16.07 -13.66
CA ASP A 320 -13.36 16.99 -14.77
C ASP A 320 -12.09 17.28 -15.56
N GLY A 321 -11.26 16.25 -15.75
CA GLY A 321 -10.06 16.37 -16.55
C GLY A 321 -8.86 16.97 -15.86
N GLU A 322 -8.99 17.37 -14.59
CA GLU A 322 -7.84 17.92 -13.88
C GLU A 322 -6.73 16.89 -13.73
N ILE A 323 -7.10 15.62 -13.52
CA ILE A 323 -6.16 14.51 -13.45
C ILE A 323 -6.49 13.57 -14.59
N THR A 324 -5.50 13.29 -15.44
CA THR A 324 -5.69 12.44 -16.61
C THR A 324 -4.90 11.14 -16.44
N GLU A 325 -5.20 10.18 -17.32
CA GLU A 325 -4.51 8.90 -17.28
C GLU A 325 -3.02 9.03 -17.55
N GLU A 326 -2.59 10.15 -18.17
CA GLU A 326 -1.18 10.41 -18.36
C GLU A 326 -0.48 10.81 -17.07
N ASP A 327 -1.22 11.15 -16.02
CA ASP A 327 -0.64 11.58 -14.76
C ASP A 327 -0.29 10.42 -13.83
N PHE A 328 -0.79 9.22 -14.11
CA PHE A 328 -0.59 8.07 -13.22
C PHE A 328 0.58 7.22 -13.72
N TYR A 329 1.48 6.88 -12.80
CA TYR A 329 2.64 6.05 -13.06
C TYR A 329 2.62 4.80 -12.19
N PRO A 330 3.20 3.70 -12.67
CA PRO A 330 3.31 2.50 -11.84
C PRO A 330 4.34 2.69 -10.73
N VAL A 331 4.30 1.77 -9.76
CA VAL A 331 5.21 1.86 -8.62
C VAL A 331 6.68 1.74 -9.03
N PRO A 332 7.09 0.74 -9.81
CA PRO A 332 8.53 0.61 -10.10
C PRO A 332 9.10 1.70 -10.99
N SER A 333 8.32 2.72 -11.36
CA SER A 333 8.86 3.82 -12.15
C SER A 333 9.91 4.61 -11.38
N VAL A 334 9.78 4.66 -10.05
CA VAL A 334 10.74 5.36 -9.20
C VAL A 334 11.82 4.44 -8.66
N ALA A 335 11.81 3.16 -9.04
CA ALA A 335 12.88 2.26 -8.64
C ALA A 335 14.28 2.73 -9.06
N PRO A 336 14.50 3.27 -10.26
CA PRO A 336 15.85 3.76 -10.58
C PRO A 336 16.32 4.91 -9.72
N ILE A 337 15.41 5.65 -9.08
CA ILE A 337 15.82 6.72 -8.19
C ILE A 337 16.59 6.16 -7.01
N SER A 338 16.13 5.02 -6.47
CA SER A 338 16.87 4.37 -5.39
C SER A 338 18.18 3.75 -5.90
N VAL A 339 18.19 3.29 -7.15
CA VAL A 339 19.43 2.77 -7.72
C VAL A 339 20.46 3.88 -7.86
N LEU A 340 20.02 5.07 -8.26
CA LEU A 340 20.94 6.20 -8.39
C LEU A 340 21.55 6.58 -7.05
N VAL A 341 20.70 6.74 -6.03
CA VAL A 341 21.20 7.09 -4.70
C VAL A 341 22.08 5.98 -4.14
N GLU A 342 21.77 4.72 -4.51
CA GLU A 342 22.57 3.59 -4.02
C GLU A 342 24.01 3.70 -4.50
N LYS A 343 24.21 3.97 -5.79
CA LYS A 343 25.56 4.14 -6.31
C LYS A 343 26.16 5.48 -5.90
N LEU A 344 25.30 6.49 -5.68
CA LEU A 344 25.80 7.80 -5.27
C LEU A 344 26.35 7.77 -3.85
N THR A 345 25.85 6.87 -3.01
CA THR A 345 26.29 6.78 -1.62
C THR A 345 27.00 5.47 -1.29
N ASN A 346 27.06 4.54 -2.25
CA ASN A 346 27.64 3.21 -2.02
C ASN A 346 26.99 2.54 -0.80
N ASP A 347 25.67 2.65 -0.72
CA ASP A 347 24.91 2.08 0.38
C ASP A 347 23.60 1.51 -0.16
N ARG A 348 23.21 0.36 0.37
CA ARG A 348 21.98 -0.30 -0.07
C ARG A 348 20.77 0.53 0.32
N LYS A 349 19.95 0.89 -0.68
CA LYS A 349 18.75 1.68 -0.43
C LYS A 349 17.50 0.89 -0.76
N PRO A 350 16.44 1.06 0.01
CA PRO A 350 15.17 0.37 -0.31
C PRO A 350 14.66 0.82 -1.68
N THR A 351 14.32 -0.16 -2.52
CA THR A 351 13.93 0.08 -3.91
C THR A 351 12.52 -0.43 -4.13
N LEU A 352 11.67 0.43 -4.70
CA LEU A 352 10.28 0.07 -4.99
C LEU A 352 10.25 -0.80 -6.24
N SER A 353 10.60 -2.07 -6.05
CA SER A 353 10.74 -3.03 -7.14
C SER A 353 9.52 -3.93 -7.29
N SER A 354 8.34 -3.47 -6.85
CA SER A 354 7.14 -4.26 -7.03
C SER A 354 6.74 -4.31 -8.49
N HIS A 355 5.85 -5.25 -8.81
CA HIS A 355 5.44 -5.46 -10.19
C HIS A 355 4.74 -4.23 -10.74
N GLN A 356 4.90 -4.00 -12.05
CA GLN A 356 4.37 -2.79 -12.66
C GLN A 356 2.84 -2.75 -12.68
N HIS A 357 2.18 -3.89 -12.50
CA HIS A 357 0.73 -3.97 -12.53
C HIS A 357 0.11 -4.11 -11.15
N CYS A 358 0.90 -3.91 -10.09
CA CYS A 358 0.36 -4.00 -8.74
C CYS A 358 -0.37 -2.73 -8.32
N GLY A 359 0.13 -1.56 -8.73
CA GLY A 359 -0.50 -0.32 -8.33
C GLY A 359 -0.11 0.83 -9.22
N THR A 360 -0.64 2.01 -8.88
CA THR A 360 -0.33 3.24 -9.59
C THR A 360 -0.48 4.40 -8.62
N SER A 361 0.13 5.53 -8.97
CA SER A 361 0.04 6.70 -8.11
C SER A 361 0.33 7.96 -8.91
N THR A 362 -0.16 9.08 -8.38
CA THR A 362 0.19 10.40 -8.86
C THR A 362 0.22 11.34 -7.68
N TYR A 363 0.82 12.51 -7.88
CA TYR A 363 0.88 13.55 -6.87
C TYR A 363 0.27 14.83 -7.44
N VAL A 364 -0.53 15.52 -6.63
CA VAL A 364 -1.18 16.75 -7.06
C VAL A 364 -0.90 17.85 -6.05
N PHE A 365 -0.86 19.08 -6.55
CA PHE A 365 -0.80 20.27 -5.71
C PHE A 365 -2.17 20.94 -5.68
N VAL A 366 -2.53 21.50 -4.54
CA VAL A 366 -3.79 22.21 -4.36
C VAL A 366 -3.48 23.70 -4.31
N ASP A 367 -4.06 24.46 -5.23
CA ASP A 367 -3.77 25.89 -5.35
C ASP A 367 -4.80 26.69 -4.55
N GLU A 368 -4.91 28.00 -4.85
CA GLU A 368 -5.80 28.86 -4.08
C GLU A 368 -7.26 28.54 -4.34
N ASP A 369 -7.66 28.50 -5.62
CA ASP A 369 -9.06 28.26 -5.95
C ASP A 369 -9.50 26.86 -5.53
N GLY A 370 -8.56 25.92 -5.43
CA GLY A 370 -8.87 24.55 -5.08
C GLY A 370 -8.68 23.56 -6.20
N LYS A 371 -8.22 23.99 -7.36
CA LYS A 371 -7.99 23.07 -8.46
C LYS A 371 -6.79 22.18 -8.17
N LEU A 372 -6.79 21.00 -8.81
CA LEU A 372 -5.77 19.99 -8.61
C LEU A 372 -4.82 19.99 -9.80
N ILE A 373 -3.56 20.36 -9.55
CA ILE A 373 -2.52 20.35 -10.57
C ILE A 373 -1.61 19.17 -10.28
N PRO A 374 -1.67 18.09 -11.06
CA PRO A 374 -0.72 17.00 -10.86
C PRO A 374 0.71 17.46 -11.11
N ILE A 375 1.65 16.85 -10.39
CA ILE A 375 3.05 17.18 -10.57
C ILE A 375 3.52 16.86 -11.98
N THR A 376 2.83 15.94 -12.65
CA THR A 376 3.12 15.63 -14.05
C THR A 376 2.64 16.71 -15.00
N ARG A 377 1.79 17.64 -14.54
CA ARG A 377 1.29 18.69 -15.42
C ARG A 377 2.36 19.74 -15.70
N PHE A 378 3.17 20.08 -14.71
CA PHE A 378 4.19 21.12 -14.86
C PHE A 378 5.61 20.59 -14.68
N ILE A 379 5.79 19.28 -14.57
CA ILE A 379 7.12 18.67 -14.50
C ILE A 379 7.14 17.46 -15.41
N ASP A 380 8.17 17.36 -16.26
CA ASP A 380 8.34 16.22 -17.15
C ASP A 380 8.96 15.08 -16.35
N VAL A 381 8.09 14.37 -15.62
CA VAL A 381 8.54 13.26 -14.77
C VAL A 381 9.18 12.17 -15.62
N GLU A 382 8.57 11.86 -16.77
CA GLU A 382 9.16 10.87 -17.67
C GLU A 382 10.54 11.31 -18.15
N GLY A 383 10.75 12.61 -18.31
CA GLY A 383 12.07 13.10 -18.67
C GLY A 383 13.05 13.06 -17.52
N PHE A 384 12.57 13.35 -16.31
CA PHE A 384 13.43 13.28 -15.13
C PHE A 384 13.95 11.86 -14.91
N LEU A 385 13.03 10.88 -14.95
CA LEU A 385 13.45 9.49 -14.81
C LEU A 385 14.38 9.08 -15.94
N GLU A 386 14.19 9.63 -17.14
CA GLU A 386 15.11 9.34 -18.24
C GLU A 386 16.52 9.81 -17.93
N ILE A 387 16.65 11.01 -17.37
CA ILE A 387 17.96 11.52 -16.99
C ILE A 387 18.56 10.70 -15.87
N VAL A 388 17.73 10.30 -14.89
CA VAL A 388 18.22 9.47 -13.79
C VAL A 388 18.78 8.16 -14.32
N LYS A 389 18.07 7.53 -15.27
CA LYS A 389 18.58 6.30 -15.88
C LYS A 389 19.87 6.55 -16.64
N GLU A 390 19.97 7.68 -17.34
CA GLU A 390 21.18 8.00 -18.08
C GLU A 390 22.37 8.20 -17.15
N LYS A 391 22.16 8.88 -16.02
CA LYS A 391 23.27 9.20 -15.13
C LYS A 391 23.69 8.03 -14.25
N ILE A 392 22.94 6.93 -14.24
CA ILE A 392 23.33 5.78 -13.43
C ILE A 392 24.62 5.15 -13.97
N GLU A 393 24.75 5.06 -15.29
CA GLU A 393 25.97 4.52 -15.87
C GLU A 393 27.15 5.46 -15.64
N GLU A 394 26.92 6.78 -15.71
CA GLU A 394 28.01 7.73 -15.56
C GLU A 394 28.43 7.87 -14.10
N ILE A 395 27.53 7.61 -13.16
CA ILE A 395 27.83 7.82 -11.75
C ILE A 395 28.64 6.65 -11.21
N MET A 400 34.06 13.87 -7.61
CA MET A 400 33.95 15.13 -8.35
C MET A 400 32.98 14.98 -9.52
N HIS A 401 33.08 13.86 -10.23
CA HIS A 401 32.16 13.62 -11.35
C HIS A 401 30.73 13.41 -10.87
N ASP A 402 30.56 12.85 -9.67
CA ASP A 402 29.21 12.64 -9.14
C ASP A 402 28.52 13.95 -8.82
N VAL A 403 29.28 14.96 -8.36
CA VAL A 403 28.69 16.27 -8.14
C VAL A 403 28.30 16.92 -9.46
N LYS A 404 29.14 16.75 -10.48
CA LYS A 404 28.79 17.22 -11.82
C LYS A 404 27.53 16.52 -12.33
N VAL A 405 27.42 15.21 -12.07
CA VAL A 405 26.20 14.48 -12.42
C VAL A 405 25.00 15.09 -11.68
N LEU A 406 25.15 15.29 -10.36
CA LEU A 406 24.11 15.98 -9.61
C LEU A 406 23.91 17.40 -10.14
N GLY A 407 24.99 18.09 -10.48
CA GLY A 407 24.87 19.41 -11.08
C GLY A 407 24.18 19.36 -12.43
N GLU A 408 24.56 18.38 -13.27
CA GLU A 408 23.87 18.19 -14.54
C GLU A 408 22.38 17.97 -14.33
N ILE A 409 22.04 17.11 -13.37
CA ILE A 409 20.63 16.93 -13.01
C ILE A 409 20.05 18.24 -12.50
N ALA A 410 20.78 18.92 -11.61
CA ALA A 410 20.32 20.21 -11.10
C ALA A 410 20.19 21.25 -12.22
N LEU A 411 21.07 21.19 -13.22
CA LEU A 411 20.99 22.13 -14.33
C LEU A 411 19.94 21.71 -15.36
N LYS A 412 19.68 20.42 -15.49
CA LYS A 412 18.67 19.95 -16.44
C LYS A 412 17.26 19.97 -15.88
N LEU A 413 17.12 20.08 -14.55
CA LEU A 413 15.78 20.15 -13.96
C LEU A 413 14.96 21.35 -14.40
N PRO A 414 15.50 22.57 -14.47
CA PRO A 414 14.67 23.70 -14.94
C PRO A 414 14.14 23.52 -16.35
N SER A 415 14.86 22.77 -17.19
CA SER A 415 14.38 22.50 -18.54
C SER A 415 13.18 21.56 -18.56
N LEU A 416 12.90 20.87 -17.46
CA LEU A 416 11.79 19.93 -17.38
C LEU A 416 10.61 20.48 -16.59
N ILE A 417 10.67 21.74 -16.18
CA ILE A 417 9.59 22.34 -15.41
C ILE A 417 8.60 23.05 -16.33
N ALA A 422 2.12 25.18 -13.54
CA ALA A 422 2.70 25.25 -12.22
C ALA A 422 1.91 26.19 -11.31
N PRO A 423 1.61 25.74 -10.09
CA PRO A 423 0.87 26.60 -9.16
C PRO A 423 1.71 27.80 -8.74
N LYS A 424 1.06 28.96 -8.68
CA LYS A 424 1.76 30.17 -8.26
C LYS A 424 2.17 30.10 -6.80
N SER A 425 1.36 29.44 -5.96
CA SER A 425 1.69 29.29 -4.54
C SER A 425 2.80 28.28 -4.28
N VAL A 426 3.40 27.71 -5.32
CA VAL A 426 4.47 26.74 -5.18
C VAL A 426 5.78 27.44 -5.50
N ASN A 427 6.66 27.54 -4.51
CA ASN A 427 8.02 28.03 -4.72
C ASN A 427 8.81 26.90 -5.36
N ILE A 428 8.85 26.92 -6.69
CA ILE A 428 9.45 25.83 -7.45
C ILE A 428 10.93 25.66 -7.15
N LYS A 429 11.57 26.68 -6.57
CA LYS A 429 12.99 26.58 -6.26
C LYS A 429 13.26 25.71 -5.04
N LYS A 430 12.33 25.67 -4.08
CA LYS A 430 12.50 24.77 -2.94
C LYS A 430 12.11 23.34 -3.29
N ILE A 431 11.15 23.16 -4.20
CA ILE A 431 10.83 21.83 -4.68
C ILE A 431 12.04 21.21 -5.36
N ILE A 432 12.73 21.99 -6.19
CA ILE A 432 13.95 21.51 -6.85
C ILE A 432 14.99 21.09 -5.81
N ASP A 433 15.13 21.89 -4.75
CA ASP A 433 16.12 21.57 -3.72
C ASP A 433 15.75 20.31 -2.96
N LEU A 434 14.46 20.09 -2.72
CA LEU A 434 14.04 18.86 -2.05
C LEU A 434 14.22 17.64 -2.95
N ILE A 435 13.93 17.79 -4.24
CA ILE A 435 14.13 16.70 -5.19
C ILE A 435 15.62 16.33 -5.25
N LEU A 436 16.49 17.34 -5.31
CA LEU A 436 17.92 17.07 -5.32
C LEU A 436 18.41 16.51 -3.98
N SER A 437 17.80 16.97 -2.87
CA SER A 437 18.18 16.43 -1.56
C SER A 437 17.75 14.98 -1.44
N VAL A 438 16.58 14.63 -1.99
CA VAL A 438 16.16 13.23 -2.01
C VAL A 438 17.19 12.37 -2.73
N LEU A 439 17.78 12.90 -3.79
CA LEU A 439 18.84 12.18 -4.51
C LEU A 439 20.10 12.00 -3.66
N LYS A 440 20.18 12.63 -2.48
CA LYS A 440 21.31 12.49 -1.58
C LYS A 440 20.94 11.68 -0.34
N SER A 441 19.93 10.82 -0.47
CA SER A 441 19.48 9.94 0.62
C SER A 441 19.00 10.75 1.82
N ASP A 442 18.34 11.87 1.56
CA ASP A 442 17.81 12.75 2.61
C ASP A 442 16.34 12.39 2.81
N TYR A 443 16.06 11.57 3.84
CA TYR A 443 14.69 11.15 4.11
C TYR A 443 13.83 12.32 4.57
N SER A 444 14.41 13.24 5.35
CA SER A 444 13.66 14.39 5.80
C SER A 444 13.23 15.28 4.65
N ALA A 445 13.99 15.27 3.54
CA ALA A 445 13.55 15.98 2.35
C ALA A 445 12.39 15.27 1.67
N LEU A 446 12.44 13.93 1.63
CA LEU A 446 11.31 13.18 1.09
C LEU A 446 10.05 13.41 1.92
N ALA A 447 10.19 13.45 3.25
CA ALA A 447 9.04 13.72 4.11
C ALA A 447 8.50 15.13 3.88
N GLU A 448 9.38 16.13 3.89
CA GLU A 448 8.95 17.50 3.70
C GLU A 448 8.33 17.71 2.33
N LEU A 449 8.81 16.98 1.32
CA LEU A 449 8.23 17.09 -0.02
C LEU A 449 6.79 16.61 -0.06
N HIS A 450 6.45 15.59 0.74
CA HIS A 450 5.09 15.07 0.76
C HIS A 450 4.11 16.02 1.43
N TYR A 451 4.59 16.93 2.28
CA TYR A 451 3.70 17.91 2.90
C TYR A 451 3.25 19.00 1.92
N HIS A 452 3.89 19.12 0.77
CA HIS A 452 3.47 20.07 -0.26
C HIS A 452 2.44 19.48 -1.22
N MET A 453 2.17 18.19 -1.15
CA MET A 453 1.40 17.50 -2.18
C MET A 453 0.30 16.66 -1.56
N LEU A 454 -0.57 16.15 -2.43
CA LEU A 454 -1.61 15.19 -2.09
C LEU A 454 -1.43 13.97 -2.97
N MET A 455 -1.10 12.83 -2.37
CA MET A 455 -0.88 11.61 -3.12
C MET A 455 -2.20 10.94 -3.45
N ILE A 456 -2.37 10.52 -4.70
CA ILE A 456 -3.57 9.81 -5.14
C ILE A 456 -3.10 8.51 -5.79
N SER A 457 -3.34 7.40 -5.10
CA SER A 457 -2.78 6.12 -5.48
C SER A 457 -3.83 5.03 -5.38
N CYS A 458 -3.44 3.82 -5.81
CA CYS A 458 -4.34 2.68 -5.85
C CYS A 458 -3.50 1.42 -5.98
N MET A 459 -3.57 0.53 -5.00
CA MET A 459 -2.95 -0.79 -5.08
C MET A 459 -4.03 -1.85 -5.00
N HIS A 460 -4.02 -2.77 -5.97
CA HIS A 460 -5.03 -3.82 -6.07
C HIS A 460 -4.40 -5.13 -5.60
N PHE A 461 -4.65 -5.48 -4.35
CA PHE A 461 -4.19 -6.76 -3.82
C PHE A 461 -4.88 -7.91 -4.51
N MET A 462 -4.13 -8.96 -4.80
CA MET A 462 -4.65 -10.11 -5.51
C MET A 462 -5.44 -11.03 -4.57
N ASP A 463 -6.37 -11.77 -5.16
CA ASP A 463 -7.08 -12.85 -4.49
C ASP A 463 -6.85 -14.13 -5.28
N ALA A 464 -7.57 -15.19 -4.91
CA ALA A 464 -7.42 -16.46 -5.61
C ALA A 464 -7.90 -16.39 -7.05
N TYR A 465 -8.75 -15.42 -7.38
CA TYR A 465 -9.32 -15.35 -8.72
C TYR A 465 -8.39 -14.69 -9.72
N ASN A 466 -7.66 -13.65 -9.29
CA ASN A 466 -6.76 -12.92 -10.18
C ASN A 466 -5.30 -13.12 -9.80
N PHE A 467 -4.98 -14.14 -9.00
CA PHE A 467 -3.62 -14.32 -8.51
C PHE A 467 -2.65 -14.48 -9.66
N ASP A 468 -1.47 -13.86 -9.52
CA ASP A 468 -0.43 -13.92 -10.53
C ASP A 468 0.91 -14.12 -9.82
N VAL A 469 1.50 -15.30 -10.00
CA VAL A 469 2.77 -15.62 -9.34
C VAL A 469 3.85 -14.63 -9.76
N LYS A 470 3.84 -14.21 -11.03
CA LYS A 470 4.86 -13.27 -11.50
C LYS A 470 4.75 -11.92 -10.81
N ARG A 471 3.55 -11.55 -10.35
CA ARG A 471 3.40 -10.33 -9.57
C ARG A 471 3.91 -10.51 -8.15
N VAL A 472 3.45 -11.57 -7.48
CA VAL A 472 3.73 -11.73 -6.05
C VAL A 472 5.20 -11.98 -5.78
N MET A 473 5.96 -12.47 -6.77
CA MET A 473 7.39 -12.67 -6.58
C MET A 473 8.15 -11.36 -6.35
N ARG A 474 7.59 -10.23 -6.80
CA ARG A 474 8.20 -8.92 -6.60
C ARG A 474 7.54 -8.13 -5.49
N CYS A 475 6.66 -8.75 -4.71
CA CYS A 475 5.90 -8.04 -3.70
C CYS A 475 6.82 -7.34 -2.70
N CYS A 476 6.48 -6.09 -2.37
CA CYS A 476 7.26 -5.28 -1.46
C CYS A 476 6.58 -5.04 -0.12
N ILE A 477 5.37 -5.57 0.08
CA ILE A 477 4.58 -5.37 1.29
C ILE A 477 4.47 -6.72 1.99
N HIS A 478 5.11 -6.85 3.15
CA HIS A 478 5.27 -8.16 3.78
C HIS A 478 4.76 -8.12 5.21
N TYR A 479 4.19 -9.24 5.65
CA TYR A 479 3.86 -9.46 7.04
C TYR A 479 5.04 -10.12 7.75
N ALA A 480 5.39 -9.61 8.93
CA ALA A 480 6.28 -10.31 9.83
C ALA A 480 5.43 -11.18 10.76
N THR A 481 5.81 -12.45 10.89
CA THR A 481 5.04 -13.44 11.62
C THR A 481 5.78 -13.91 12.87
N PRO A 482 5.06 -14.40 13.88
CA PRO A 482 5.72 -14.84 15.12
C PRO A 482 6.61 -16.07 14.94
N ASP A 483 6.50 -16.81 13.83
CA ASP A 483 7.38 -17.94 13.58
C ASP A 483 8.61 -17.56 12.75
N ASP A 484 9.01 -16.29 12.82
CA ASP A 484 10.25 -15.79 12.21
C ASP A 484 10.20 -15.86 10.68
N ARG A 485 9.02 -15.65 10.10
CA ARG A 485 8.89 -15.56 8.65
C ARG A 485 8.49 -14.15 8.24
N ILE A 486 8.70 -13.87 6.96
CA ILE A 486 8.35 -12.59 6.34
C ILE A 486 7.60 -12.92 5.07
N ILE A 487 6.30 -12.66 5.07
CA ILE A 487 5.40 -13.24 4.06
C ILE A 487 4.77 -12.11 3.25
N PRO A 488 4.86 -12.15 1.92
CA PRO A 488 4.21 -11.12 1.09
C PRO A 488 2.72 -11.01 1.41
N PHE A 489 2.22 -9.76 1.36
CA PHE A 489 0.84 -9.46 1.73
C PHE A 489 -0.15 -10.35 0.98
N CYS A 490 0.07 -10.56 -0.32
CA CYS A 490 -0.93 -11.23 -1.14
C CYS A 490 -0.92 -12.75 -0.98
N THR A 491 0.17 -13.35 -0.52
CA THR A 491 0.12 -14.76 -0.14
C THR A 491 -0.32 -14.97 1.29
N TYR A 492 -0.04 -14.01 2.18
CA TYR A 492 -0.44 -14.15 3.58
C TYR A 492 -1.95 -14.20 3.70
N ASN A 493 -2.66 -13.30 3.03
CA ASN A 493 -4.11 -13.22 3.17
C ASN A 493 -4.86 -14.25 2.35
N THR A 494 -4.19 -14.92 1.41
CA THR A 494 -4.82 -15.99 0.64
C THR A 494 -4.43 -17.38 1.09
N LEU A 495 -3.25 -17.54 1.71
CA LEU A 495 -2.75 -18.88 1.98
C LEU A 495 -2.31 -19.09 3.43
N HIS A 496 -1.82 -18.05 4.10
CA HIS A 496 -1.08 -18.24 5.34
C HIS A 496 -1.75 -17.69 6.59
N ARG A 497 -2.74 -16.81 6.46
CA ARG A 497 -3.26 -16.12 7.64
C ARG A 497 -3.89 -17.08 8.65
N GLN A 498 -4.69 -18.03 8.17
CA GLN A 498 -5.34 -18.97 9.09
C GLN A 498 -4.31 -19.86 9.78
N GLU A 499 -3.32 -20.35 9.04
CA GLU A 499 -2.27 -21.18 9.63
C GLU A 499 -1.56 -20.44 10.75
N VAL A 500 -1.09 -19.23 10.48
CA VAL A 500 -0.30 -18.48 11.46
C VAL A 500 -1.15 -18.12 12.67
N GLU A 501 -2.34 -17.58 12.43
CA GLU A 501 -3.17 -17.11 13.54
C GLU A 501 -3.59 -18.25 14.44
N GLU A 502 -3.94 -19.41 13.87
CA GLU A 502 -4.39 -20.53 14.68
C GLU A 502 -3.28 -21.04 15.60
N LYS A 503 -2.04 -21.09 15.10
CA LYS A 503 -0.94 -21.60 15.92
C LYS A 503 -0.69 -20.70 17.12
N PHE A 504 -0.86 -19.38 16.96
CA PHE A 504 -0.50 -18.43 17.99
C PHE A 504 -1.72 -17.78 18.65
N SER A 505 -2.89 -18.40 18.54
CA SER A 505 -4.10 -17.89 19.16
CA SER A 505 -4.10 -17.89 19.16
C SER A 505 -4.46 -18.70 20.40
N ILE A 506 -5.25 -18.08 21.26
CA ILE A 506 -5.75 -18.70 22.48
C ILE A 506 -7.27 -18.69 22.37
N PRO A 507 -7.96 -19.77 22.76
CA PRO A 507 -9.43 -19.77 22.70
C PRO A 507 -10.01 -18.57 23.43
N LEU A 508 -11.11 -18.04 22.87
CA LEU A 508 -11.65 -16.77 23.34
C LEU A 508 -12.09 -16.84 24.80
N GLU A 509 -12.75 -17.93 25.19
CA GLU A 509 -13.26 -18.03 26.55
C GLU A 509 -12.15 -17.90 27.59
N GLU A 510 -11.01 -18.56 27.33
CA GLU A 510 -9.90 -18.51 28.27
C GLU A 510 -9.16 -17.17 28.18
N TRP A 511 -9.04 -16.62 26.98
CA TRP A 511 -8.31 -15.36 26.82
C TRP A 511 -9.02 -14.22 27.55
N LYS A 512 -10.36 -14.19 27.49
CA LYS A 512 -11.10 -13.15 28.18
C LYS A 512 -10.83 -13.18 29.69
N ARG A 513 -10.75 -14.38 30.27
CA ARG A 513 -10.61 -14.53 31.70
C ARG A 513 -9.19 -14.30 32.20
N MET A 514 -8.24 -14.06 31.30
CA MET A 514 -6.85 -13.81 31.69
C MET A 514 -6.36 -12.42 31.28
N HIS A 515 -7.22 -11.61 30.66
CA HIS A 515 -6.81 -10.30 30.18
C HIS A 515 -7.90 -9.29 30.45
N LYS A 516 -7.49 -8.04 30.68
CA LYS A 516 -8.44 -6.95 30.75
C LYS A 516 -8.92 -6.59 29.35
N ILE A 517 -9.85 -5.63 29.27
CA ILE A 517 -10.46 -5.27 27.99
C ILE A 517 -9.41 -4.74 27.02
N GLY A 518 -8.33 -4.14 27.54
CA GLY A 518 -7.26 -3.63 26.71
C GLY A 518 -6.18 -4.62 26.35
N GLY A 519 -6.22 -5.82 26.92
CA GLY A 519 -5.21 -6.82 26.64
C GLY A 519 -4.09 -6.84 27.67
#